data_7OFI
#
_entry.id   7OFI
#
_cell.length_a   61.9
_cell.length_b   61.9
_cell.length_c   159.12
_cell.angle_alpha   90
_cell.angle_beta   90
_cell.angle_gamma   90
#
_symmetry.space_group_name_H-M   'P 41 21 2'
#
loop_
_entity.id
_entity.type
_entity.pdbx_description
1 polymer 'Nuclear receptor ROR-gamma'
2 polymer 'Nuclear receptor coactivator 2'
3 non-polymer "(2~{R})-2-(4-ethylsulfonylphenyl)-~{N}-[4-[1,1,1,3,3,3-hexakis(fluoranyl)-2-oxidanyl-propan-2-yl]phenyl]-~{N}'-methyl-butanediamide"
4 non-polymer 'SODIUM ION'
5 non-polymer 'DIMETHYL SULFOXIDE'
6 water water
#
loop_
_entity_poly.entity_id
_entity_poly.type
_entity_poly.pdbx_seq_one_letter_code
_entity_poly.pdbx_strand_id
1 'polypeptide(L)'
;HNHNHNHNHNHNGGENLYFQGASLTEIEHLVQSVCKSYRETCQLRLEDLLRQRSNIFSREEVTGYQRKSMWEMWERCAHH
LTEAIQYVVEFAKRLSGFMELCQNDQIVLLKAGAMEVVLVRMCRAYNADNRTVFFEGKYGGMELFRALGCSELISSIFDF
SHSLSALHFSEDEIALYTALVLINAHRPGLQEKRKVEQLQYNLELAFHHHLCKTHRQSILAKLPPKGKLRSLCSQHVERL
QIFQHLHPIVVQAAFPPLYKELFSGG
;
A
2 'polypeptide(L)' GGGKEKHKILHRLLQDSS C
#
# COMPACT_ATOMS: atom_id res chain seq x y z
N GLU A 15 23.88 10.35 -9.88
CA GLU A 15 22.66 10.74 -9.17
C GLU A 15 22.46 9.93 -7.90
N ASN A 16 22.75 8.62 -7.93
CA ASN A 16 22.64 7.78 -6.72
C ASN A 16 23.48 6.51 -6.88
N LEU A 17 24.16 6.07 -5.80
CA LEU A 17 25.00 4.87 -5.81
C LEU A 17 24.21 3.64 -6.30
N TYR A 18 22.93 3.54 -5.88
CA TYR A 18 22.09 2.39 -6.24
C TYR A 18 21.55 2.43 -7.67
N PHE A 19 21.92 3.43 -8.48
CA PHE A 19 21.59 3.41 -9.91
C PHE A 19 22.70 2.65 -10.71
N GLN A 20 23.76 2.17 -10.03
CA GLN A 20 24.82 1.36 -10.62
C GLN A 20 24.99 0.09 -9.73
N GLY A 21 25.98 -0.76 -10.03
CA GLY A 21 26.24 -1.97 -9.28
C GLY A 21 26.65 -1.67 -7.86
N ALA A 22 26.00 -2.33 -6.88
CA ALA A 22 26.32 -2.11 -5.47
C ALA A 22 27.02 -3.35 -4.93
N SER A 23 28.03 -3.13 -4.06
CA SER A 23 28.78 -4.20 -3.41
C SER A 23 27.95 -4.83 -2.26
N LEU A 24 28.43 -5.94 -1.66
CA LEU A 24 27.73 -6.56 -0.53
C LEU A 24 27.58 -5.57 0.64
N THR A 25 28.66 -4.81 0.98
CA THR A 25 28.57 -3.85 2.07
C THR A 25 27.54 -2.77 1.75
N GLU A 26 27.46 -2.35 0.50
CA GLU A 26 26.47 -1.34 0.08
C GLU A 26 25.03 -1.91 0.09
N ILE A 27 24.88 -3.22 -0.17
CA ILE A 27 23.57 -3.88 -0.11
C ILE A 27 23.15 -3.98 1.35
N GLU A 28 24.10 -4.26 2.28
CA GLU A 28 23.82 -4.31 3.71
C GLU A 28 23.33 -2.94 4.19
N HIS A 29 23.96 -1.85 3.69
N HIS A 29 23.95 -1.83 3.73
CA HIS A 29 23.61 -0.46 4.00
CA HIS A 29 23.45 -0.51 4.14
C HIS A 29 22.19 -0.13 3.47
C HIS A 29 22.06 -0.30 3.59
N LEU A 30 21.82 -0.72 2.33
CA LEU A 30 20.52 -0.54 1.70
C LEU A 30 19.43 -1.21 2.52
N VAL A 31 19.71 -2.39 3.10
CA VAL A 31 18.76 -3.07 3.99
C VAL A 31 18.42 -2.17 5.18
N GLN A 32 19.45 -1.61 5.83
CA GLN A 32 19.25 -0.74 6.98
C GLN A 32 18.45 0.51 6.63
N SER A 33 18.78 1.13 5.52
CA SER A 33 18.15 2.34 5.00
C SER A 33 16.65 2.12 4.69
N VAL A 34 16.32 1.03 3.99
CA VAL A 34 14.94 0.73 3.67
C VAL A 34 14.11 0.49 4.93
N CYS A 35 14.66 -0.33 5.86
CA CYS A 35 13.95 -0.63 7.10
C CYS A 35 13.75 0.64 7.93
N LYS A 36 14.71 1.57 7.92
CA LYS A 36 14.61 2.85 8.62
C LYS A 36 13.51 3.72 7.97
N SER A 37 13.51 3.87 6.64
CA SER A 37 12.49 4.66 5.93
C SER A 37 11.09 4.10 6.22
N TYR A 38 10.96 2.77 6.25
CA TYR A 38 9.69 2.13 6.57
C TYR A 38 9.27 2.42 8.05
N ARG A 39 10.18 2.20 9.03
CA ARG A 39 9.90 2.43 10.45
C ARG A 39 9.39 3.86 10.69
N GLU A 40 9.98 4.83 10.00
CA GLU A 40 9.61 6.25 10.12
C GLU A 40 8.29 6.60 9.48
N THR A 41 7.76 5.75 8.58
CA THR A 41 6.54 6.05 7.82
C THR A 41 5.51 4.91 7.87
N CYS A 42 5.60 4.03 8.84
CA CYS A 42 4.72 2.85 8.92
C CYS A 42 3.28 3.16 9.29
N GLN A 43 2.97 4.44 9.63
CA GLN A 43 1.64 4.93 10.01
C GLN A 43 1.24 4.49 11.41
N LEU A 44 0.94 3.20 11.62
CA LEU A 44 0.63 2.69 12.95
C LEU A 44 1.69 1.64 13.33
N ARG A 45 2.10 1.63 14.61
CA ARG A 45 3.08 0.66 15.09
C ARG A 45 2.41 -0.70 15.14
N LEU A 46 3.13 -1.78 14.79
CA LEU A 46 2.59 -3.14 14.81
C LEU A 46 2.04 -3.51 16.21
N GLU A 47 2.77 -3.15 17.28
CA GLU A 47 2.35 -3.46 18.65
C GLU A 47 0.99 -2.84 18.97
N ASP A 48 0.75 -1.62 18.46
CA ASP A 48 -0.51 -0.91 18.63
C ASP A 48 -1.64 -1.64 17.89
N LEU A 49 -1.36 -2.23 16.70
CA LEU A 49 -2.40 -2.96 15.97
C LEU A 49 -2.71 -4.28 16.65
N LEU A 50 -1.67 -4.99 17.12
CA LEU A 50 -1.84 -6.30 17.75
C LEU A 50 -2.60 -6.19 19.05
N ARG A 51 -2.29 -5.18 19.84
CA ARG A 51 -2.92 -4.95 21.13
C ARG A 51 -4.43 -4.70 20.97
N GLN A 52 -4.82 -3.99 19.90
CA GLN A 52 -6.22 -3.66 19.66
C GLN A 52 -7.02 -4.80 19.06
N ARG A 53 -6.43 -5.99 18.81
CA ARG A 53 -7.17 -7.14 18.26
C ARG A 53 -8.37 -7.57 19.11
N SER A 54 -8.30 -7.37 20.44
CA SER A 54 -9.40 -7.72 21.32
C SER A 54 -10.54 -6.67 21.30
N ASN A 55 -10.33 -5.50 20.68
CA ASN A 55 -11.37 -4.47 20.55
C ASN A 55 -12.11 -4.71 19.22
N ILE A 56 -13.21 -5.47 19.29
CA ILE A 56 -13.98 -5.89 18.13
C ILE A 56 -15.36 -5.25 18.11
N PHE A 57 -15.80 -4.75 16.93
CA PHE A 57 -17.14 -4.18 16.82
C PHE A 57 -18.21 -5.18 17.23
N SER A 58 -19.17 -4.73 18.03
CA SER A 58 -20.29 -5.57 18.49
C SER A 58 -21.29 -5.78 17.34
N ARG A 59 -22.25 -6.71 17.52
CA ARG A 59 -23.31 -6.98 16.54
C ARG A 59 -24.11 -5.69 16.25
N GLU A 60 -24.38 -4.91 17.31
CA GLU A 60 -25.12 -3.63 17.22
C GLU A 60 -24.31 -2.61 16.40
N GLU A 61 -22.99 -2.53 16.63
CA GLU A 61 -22.11 -1.64 15.89
C GLU A 61 -22.00 -2.07 14.43
N VAL A 62 -21.92 -3.37 14.15
CA VAL A 62 -21.91 -3.89 12.77
C VAL A 62 -23.20 -3.48 12.05
N THR A 63 -24.37 -3.65 12.70
CA THR A 63 -25.68 -3.25 12.17
C THR A 63 -25.70 -1.74 11.86
N GLY A 64 -25.13 -0.94 12.73
CA GLY A 64 -25.02 0.51 12.51
C GLY A 64 -24.23 0.83 11.25
N TYR A 65 -23.12 0.13 11.02
CA TYR A 65 -22.32 0.35 9.80
C TYR A 65 -23.09 -0.09 8.56
N GLN A 66 -23.82 -1.21 8.67
CA GLN A 66 -24.62 -1.71 7.55
C GLN A 66 -25.80 -0.82 7.21
N ARG A 67 -26.27 -0.02 8.17
CA ARG A 67 -27.37 0.92 7.92
C ARG A 67 -26.88 2.26 7.35
N LYS A 68 -25.56 2.51 7.33
CA LYS A 68 -25.03 3.76 6.76
C LYS A 68 -25.28 3.76 5.27
N SER A 69 -25.42 4.96 4.68
CA SER A 69 -25.63 5.03 3.25
C SER A 69 -24.38 4.56 2.49
N MET A 70 -24.55 4.12 1.24
CA MET A 70 -23.43 3.70 0.40
C MET A 70 -22.46 4.86 0.20
N TRP A 71 -22.98 6.06 -0.02
CA TRP A 71 -22.12 7.20 -0.30
C TRP A 71 -21.32 7.64 0.92
N GLU A 72 -21.94 7.61 2.14
CA GLU A 72 -21.19 7.99 3.32
C GLU A 72 -20.09 6.97 3.64
N MET A 73 -20.34 5.67 3.41
CA MET A 73 -19.32 4.64 3.65
C MET A 73 -18.18 4.78 2.63
N TRP A 74 -18.51 5.05 1.35
CA TRP A 74 -17.49 5.25 0.31
C TRP A 74 -16.63 6.45 0.64
N GLU A 75 -17.25 7.53 1.11
CA GLU A 75 -16.51 8.73 1.46
C GLU A 75 -15.56 8.46 2.63
N ARG A 76 -16.05 7.79 3.67
CA ARG A 76 -15.19 7.47 4.83
C ARG A 76 -14.02 6.56 4.40
N CYS A 77 -14.29 5.53 3.59
CA CYS A 77 -13.21 4.61 3.17
C CYS A 77 -12.18 5.32 2.29
N ALA A 78 -12.63 6.20 1.39
CA ALA A 78 -11.71 6.96 0.53
C ALA A 78 -10.81 7.86 1.37
N HIS A 79 -11.38 8.52 2.39
CA HIS A 79 -10.62 9.39 3.30
C HIS A 79 -9.54 8.57 4.04
N HIS A 80 -9.93 7.42 4.66
CA HIS A 80 -8.96 6.61 5.39
C HIS A 80 -7.87 6.04 4.46
N LEU A 81 -8.25 5.60 3.24
CA LEU A 81 -7.27 5.11 2.27
C LEU A 81 -6.30 6.22 1.88
N THR A 82 -6.83 7.45 1.70
CA THR A 82 -5.98 8.61 1.35
C THR A 82 -4.98 8.89 2.43
N GLU A 83 -5.40 8.81 3.70
CA GLU A 83 -4.47 8.98 4.82
C GLU A 83 -3.34 7.92 4.77
N ALA A 84 -3.68 6.66 4.48
CA ALA A 84 -2.66 5.60 4.37
C ALA A 84 -1.71 5.85 3.21
N ILE A 85 -2.24 6.34 2.08
CA ILE A 85 -1.47 6.67 0.88
C ILE A 85 -0.48 7.78 1.17
N GLN A 86 -0.87 8.78 1.99
CA GLN A 86 0.05 9.86 2.33
C GLN A 86 1.32 9.34 3.04
N TYR A 87 1.19 8.28 3.87
CA TYR A 87 2.38 7.69 4.52
C TYR A 87 3.25 6.95 3.51
N VAL A 88 2.63 6.33 2.49
CA VAL A 88 3.35 5.67 1.42
C VAL A 88 4.11 6.67 0.56
N VAL A 89 3.52 7.87 0.31
CA VAL A 89 4.23 8.92 -0.43
C VAL A 89 5.50 9.33 0.35
N GLU A 90 5.36 9.51 1.67
CA GLU A 90 6.50 9.84 2.52
C GLU A 90 7.55 8.71 2.54
N PHE A 91 7.11 7.43 2.62
CA PHE A 91 8.03 6.27 2.52
C PHE A 91 8.84 6.35 1.21
N ALA A 92 8.15 6.62 0.07
CA ALA A 92 8.81 6.75 -1.22
C ALA A 92 9.85 7.87 -1.19
N LYS A 93 9.49 9.03 -0.62
CA LYS A 93 10.41 10.18 -0.55
C LYS A 93 11.68 9.87 0.23
N ARG A 94 11.57 9.02 1.25
CA ARG A 94 12.71 8.61 2.07
C ARG A 94 13.48 7.39 1.54
N LEU A 95 12.97 6.75 0.48
CA LEU A 95 13.61 5.56 -0.08
C LEU A 95 14.82 5.96 -0.90
N SER A 96 16.01 5.33 -0.66
CA SER A 96 17.24 5.59 -1.41
C SER A 96 16.99 5.56 -2.90
N GLY A 97 17.40 6.61 -3.60
CA GLY A 97 17.24 6.66 -5.04
C GLY A 97 15.95 7.27 -5.57
N PHE A 98 14.85 7.12 -4.83
CA PHE A 98 13.56 7.63 -5.32
C PHE A 98 13.57 9.13 -5.66
N MET A 99 14.06 10.00 -4.76
CA MET A 99 14.08 11.45 -5.03
C MET A 99 15.07 11.86 -6.14
N GLU A 100 15.96 10.95 -6.52
CA GLU A 100 16.91 11.19 -7.61
C GLU A 100 16.32 10.80 -8.99
N LEU A 101 15.15 10.13 -9.00
CA LEU A 101 14.45 9.86 -10.26
C LEU A 101 13.82 11.19 -10.69
N CYS A 102 13.48 11.32 -11.97
CA CYS A 102 12.79 12.52 -12.46
C CYS A 102 11.36 12.53 -11.93
N GLN A 103 10.75 13.72 -11.84
CA GLN A 103 9.38 13.86 -11.33
C GLN A 103 8.36 13.03 -12.10
N ASN A 104 8.49 12.93 -13.43
CA ASN A 104 7.58 12.09 -14.23
C ASN A 104 7.57 10.65 -13.69
N ASP A 105 8.76 10.11 -13.43
CA ASP A 105 8.92 8.74 -12.97
C ASP A 105 8.47 8.53 -11.55
N GLN A 106 8.71 9.50 -10.66
CA GLN A 106 8.24 9.46 -9.28
C GLN A 106 6.71 9.35 -9.27
N ILE A 107 6.03 10.17 -10.12
CA ILE A 107 4.57 10.16 -10.22
C ILE A 107 4.06 8.88 -10.87
N VAL A 108 4.69 8.40 -11.93
CA VAL A 108 4.33 7.11 -12.53
C VAL A 108 4.38 5.96 -11.46
N LEU A 109 5.48 5.93 -10.68
CA LEU A 109 5.66 4.86 -9.69
C LEU A 109 4.64 4.97 -8.56
N LEU A 110 4.38 6.20 -8.10
CA LEU A 110 3.38 6.37 -7.03
C LEU A 110 1.96 6.12 -7.52
N LYS A 111 1.60 6.62 -8.70
CA LYS A 111 0.25 6.37 -9.23
C LYS A 111 -0.05 4.87 -9.38
N ALA A 112 0.92 4.09 -9.84
CA ALA A 112 0.74 2.66 -10.03
C ALA A 112 0.91 1.84 -8.73
N GLY A 113 1.79 2.30 -7.84
CA GLY A 113 2.18 1.49 -6.69
C GLY A 113 1.73 1.88 -5.30
N ALA A 114 1.26 3.12 -5.10
CA ALA A 114 0.83 3.55 -3.77
C ALA A 114 -0.26 2.64 -3.17
N MET A 115 -1.30 2.31 -3.95
CA MET A 115 -2.39 1.44 -3.49
C MET A 115 -1.88 0.02 -3.24
N GLU A 116 -0.95 -0.44 -4.08
CA GLU A 116 -0.39 -1.79 -3.90
C GLU A 116 0.35 -1.87 -2.56
N VAL A 117 1.10 -0.83 -2.21
CA VAL A 117 1.84 -0.78 -0.94
C VAL A 117 0.85 -0.73 0.20
N VAL A 118 -0.20 0.09 0.09
CA VAL A 118 -1.23 0.16 1.15
C VAL A 118 -1.86 -1.24 1.38
N LEU A 119 -2.17 -1.97 0.29
CA LEU A 119 -2.78 -3.31 0.40
C LEU A 119 -1.83 -4.28 1.09
N VAL A 120 -0.53 -4.19 0.78
CA VAL A 120 0.46 -5.05 1.45
C VAL A 120 0.52 -4.66 2.95
N ARG A 121 0.71 -3.38 3.26
CA ARG A 121 0.81 -2.88 4.64
C ARG A 121 -0.39 -3.29 5.47
N MET A 122 -1.60 -3.27 4.85
CA MET A 122 -2.88 -3.60 5.49
C MET A 122 -2.92 -4.98 6.13
N CYS A 123 -2.08 -5.95 5.66
CA CYS A 123 -2.07 -7.27 6.29
C CYS A 123 -1.66 -7.17 7.79
N ARG A 124 -0.92 -6.13 8.18
CA ARG A 124 -0.52 -5.89 9.59
C ARG A 124 -1.75 -5.62 10.47
N ALA A 125 -2.78 -4.98 9.88
CA ALA A 125 -4.06 -4.62 10.52
C ALA A 125 -5.15 -5.67 10.36
N TYR A 126 -4.81 -6.82 9.81
CA TYR A 126 -5.74 -7.90 9.57
C TYR A 126 -5.40 -9.03 10.54
N ASN A 127 -6.44 -9.53 11.21
CA ASN A 127 -6.31 -10.63 12.15
C ASN A 127 -6.87 -11.88 11.49
N ALA A 128 -5.99 -12.80 11.09
CA ALA A 128 -6.37 -14.06 10.47
C ALA A 128 -7.14 -15.02 11.39
N ASP A 129 -6.98 -14.89 12.73
CA ASP A 129 -7.70 -15.74 13.69
C ASP A 129 -9.22 -15.61 13.60
N ASN A 130 -9.72 -14.38 13.40
CA ASN A 130 -11.16 -14.14 13.31
C ASN A 130 -11.60 -13.40 12.02
N ARG A 131 -10.69 -13.24 11.04
CA ARG A 131 -10.94 -12.59 9.74
C ARG A 131 -11.48 -11.17 9.88
N THR A 132 -10.82 -10.35 10.72
CA THR A 132 -11.20 -8.95 10.93
C THR A 132 -10.08 -7.99 10.55
N VAL A 133 -10.45 -6.73 10.23
CA VAL A 133 -9.49 -5.69 9.92
C VAL A 133 -9.75 -4.48 10.82
N PHE A 134 -8.67 -3.77 11.17
CA PHE A 134 -8.75 -2.56 11.98
C PHE A 134 -9.32 -1.41 11.11
N PHE A 135 -10.43 -0.82 11.57
CA PHE A 135 -11.10 0.25 10.84
C PHE A 135 -11.84 1.08 11.84
N GLU A 136 -11.56 2.37 11.87
CA GLU A 136 -12.23 3.33 12.74
C GLU A 136 -12.24 2.91 14.22
N GLY A 137 -11.09 2.49 14.72
CA GLY A 137 -10.92 2.23 16.15
C GLY A 137 -11.11 0.83 16.69
N LYS A 138 -11.75 -0.06 15.91
CA LYS A 138 -11.97 -1.44 16.29
C LYS A 138 -11.75 -2.38 15.10
N TYR A 139 -11.81 -3.68 15.36
CA TYR A 139 -11.68 -4.70 14.33
C TYR A 139 -13.07 -5.15 13.89
N GLY A 140 -13.27 -5.22 12.59
CA GLY A 140 -14.52 -5.69 12.02
C GLY A 140 -14.29 -6.61 10.83
N GLY A 141 -15.24 -7.53 10.65
CA GLY A 141 -15.26 -8.48 9.55
C GLY A 141 -15.70 -7.83 8.25
N MET A 142 -15.68 -8.58 7.14
CA MET A 142 -16.04 -8.00 5.86
C MET A 142 -17.53 -7.58 5.82
N GLU A 143 -18.38 -8.16 6.68
CA GLU A 143 -19.79 -7.75 6.78
C GLU A 143 -19.94 -6.28 7.23
N LEU A 144 -18.91 -5.70 7.87
CA LEU A 144 -18.92 -4.30 8.30
C LEU A 144 -19.05 -3.32 7.10
N PHE A 145 -18.55 -3.74 5.94
CA PHE A 145 -18.48 -2.91 4.75
C PHE A 145 -19.58 -3.20 3.71
N ARG A 146 -20.63 -3.95 4.09
CA ARG A 146 -21.71 -4.35 3.18
C ARG A 146 -22.42 -3.17 2.50
N ALA A 147 -22.45 -2.00 3.14
CA ALA A 147 -23.11 -0.83 2.54
C ALA A 147 -22.36 -0.26 1.31
N LEU A 148 -21.07 -0.61 1.14
CA LEU A 148 -20.31 -0.14 -0.03
C LEU A 148 -20.85 -0.69 -1.35
N GLY A 149 -21.40 -1.90 -1.32
CA GLY A 149 -21.90 -2.52 -2.55
C GLY A 149 -20.78 -2.92 -3.47
N CYS A 150 -19.67 -3.42 -2.89
CA CYS A 150 -18.55 -3.93 -3.64
C CYS A 150 -17.98 -5.14 -2.88
N SER A 151 -18.89 -6.08 -2.56
CA SER A 151 -18.57 -7.26 -1.75
C SER A 151 -17.46 -8.12 -2.32
N GLU A 152 -17.37 -8.24 -3.65
CA GLU A 152 -16.31 -9.06 -4.27
C GLU A 152 -14.93 -8.44 -4.01
N LEU A 153 -14.81 -7.11 -4.17
CA LEU A 153 -13.56 -6.39 -3.92
C LEU A 153 -13.16 -6.51 -2.44
N ILE A 154 -14.10 -6.30 -1.50
CA ILE A 154 -13.80 -6.44 -0.06
C ILE A 154 -13.34 -7.86 0.25
N SER A 155 -14.03 -8.86 -0.29
CA SER A 155 -13.69 -10.25 -0.07
C SER A 155 -12.29 -10.56 -0.62
N SER A 156 -11.96 -9.99 -1.78
CA SER A 156 -10.65 -10.18 -2.41
C SER A 156 -9.55 -9.54 -1.59
N ILE A 157 -9.81 -8.38 -1.00
CA ILE A 157 -8.82 -7.71 -0.15
C ILE A 157 -8.62 -8.52 1.13
N PHE A 158 -9.71 -9.03 1.71
CA PHE A 158 -9.62 -9.86 2.93
C PHE A 158 -8.85 -11.17 2.62
N ASP A 159 -9.12 -11.81 1.49
CA ASP A 159 -8.42 -13.04 1.09
C ASP A 159 -6.94 -12.78 0.88
N PHE A 160 -6.59 -11.65 0.26
CA PHE A 160 -5.21 -11.28 0.04
C PHE A 160 -4.48 -11.06 1.37
N SER A 161 -5.11 -10.32 2.28
CA SER A 161 -4.60 -10.06 3.63
C SER A 161 -4.41 -11.37 4.39
N HIS A 162 -5.33 -12.31 4.22
CA HIS A 162 -5.27 -13.61 4.86
C HIS A 162 -4.06 -14.39 4.33
N SER A 163 -3.82 -14.35 3.02
CA SER A 163 -2.68 -15.05 2.43
C SER A 163 -1.33 -14.44 2.87
N LEU A 164 -1.22 -13.09 2.94
CA LEU A 164 0.02 -12.47 3.43
C LEU A 164 0.20 -12.76 4.92
N SER A 165 -0.90 -12.75 5.70
CA SER A 165 -0.82 -13.05 7.13
C SER A 165 -0.23 -14.46 7.41
N ALA A 166 -0.49 -15.43 6.52
CA ALA A 166 0.03 -16.80 6.65
C ALA A 166 1.53 -16.88 6.45
N LEU A 167 2.14 -15.86 5.85
CA LEU A 167 3.58 -15.80 5.68
C LEU A 167 4.30 -15.30 6.94
N HIS A 168 3.57 -14.75 7.93
CA HIS A 168 4.15 -14.23 9.17
C HIS A 168 5.25 -13.23 8.91
N PHE A 169 4.98 -12.22 8.07
CA PHE A 169 5.95 -11.19 7.76
C PHE A 169 6.47 -10.48 8.99
N SER A 170 7.78 -10.20 9.01
CA SER A 170 8.34 -9.34 10.02
C SER A 170 8.16 -7.88 9.49
N GLU A 171 8.35 -6.87 10.35
CA GLU A 171 8.27 -5.48 9.90
C GLU A 171 9.37 -5.18 8.87
N ASP A 172 10.57 -5.75 9.07
CA ASP A 172 11.68 -5.56 8.13
C ASP A 172 11.35 -6.22 6.79
N GLU A 173 10.66 -7.37 6.78
CA GLU A 173 10.26 -8.02 5.53
C GLU A 173 9.24 -7.17 4.79
N ILE A 174 8.26 -6.58 5.50
CA ILE A 174 7.29 -5.68 4.88
C ILE A 174 8.00 -4.47 4.30
N ALA A 175 8.98 -3.92 5.04
CA ALA A 175 9.76 -2.79 4.58
C ALA A 175 10.45 -3.07 3.23
N LEU A 176 11.14 -4.21 3.13
CA LEU A 176 11.88 -4.55 1.93
C LEU A 176 10.96 -4.97 0.78
N TYR A 177 9.92 -5.70 1.09
CA TYR A 177 8.97 -6.16 0.08
C TYR A 177 8.20 -4.94 -0.50
N THR A 178 7.74 -4.01 0.35
CA THR A 178 7.01 -2.83 -0.16
C THR A 178 7.89 -1.89 -0.94
N ALA A 179 9.20 -1.82 -0.63
CA ALA A 179 10.11 -0.99 -1.43
C ALA A 179 10.16 -1.53 -2.85
N LEU A 180 10.18 -2.87 -2.99
CA LEU A 180 10.19 -3.53 -4.31
C LEU A 180 8.86 -3.41 -5.03
N VAL A 181 7.74 -3.44 -4.29
CA VAL A 181 6.40 -3.26 -4.89
C VAL A 181 6.35 -1.87 -5.59
N LEU A 182 6.92 -0.85 -4.93
CA LEU A 182 6.97 0.50 -5.45
C LEU A 182 7.98 0.67 -6.59
N ILE A 183 9.24 0.18 -6.41
CA ILE A 183 10.25 0.37 -7.45
C ILE A 183 10.17 -0.75 -8.46
N ASN A 184 9.25 -0.59 -9.41
CA ASN A 184 8.97 -1.60 -10.46
C ASN A 184 9.30 -0.96 -11.81
N ALA A 185 10.39 -1.42 -12.44
CA ALA A 185 10.81 -0.85 -13.71
C ALA A 185 9.89 -1.18 -14.89
N HIS A 186 8.88 -2.06 -14.68
CA HIS A 186 7.95 -2.40 -15.75
C HIS A 186 6.75 -1.45 -15.83
N ARG A 187 6.58 -0.49 -14.89
CA ARG A 187 5.44 0.42 -14.95
C ARG A 187 5.45 1.21 -16.29
N PRO A 188 4.33 1.16 -17.04
CA PRO A 188 4.28 1.97 -18.28
C PRO A 188 4.40 3.46 -17.98
N GLY A 189 5.18 4.15 -18.79
CA GLY A 189 5.34 5.60 -18.69
C GLY A 189 6.65 6.08 -18.09
N LEU A 190 7.52 5.14 -17.66
CA LEU A 190 8.79 5.52 -17.07
C LEU A 190 9.72 5.97 -18.17
N GLN A 191 10.29 7.15 -18.02
CA GLN A 191 11.23 7.75 -18.95
C GLN A 191 12.67 7.23 -18.72
N GLU A 192 13.11 7.10 -17.46
CA GLU A 192 14.44 6.58 -17.14
C GLU A 192 14.37 5.12 -16.68
N LYS A 193 13.89 4.26 -17.58
CA LYS A 193 13.67 2.84 -17.27
C LYS A 193 14.94 2.11 -16.77
N ARG A 194 16.11 2.36 -17.36
CA ARG A 194 17.35 1.70 -16.92
C ARG A 194 17.75 2.10 -15.49
N LYS A 195 17.53 3.38 -15.10
CA LYS A 195 17.81 3.81 -13.72
C LYS A 195 16.89 3.07 -12.76
N VAL A 196 15.60 2.93 -13.13
CA VAL A 196 14.66 2.23 -12.28
C VAL A 196 15.04 0.74 -12.19
N GLU A 197 15.47 0.12 -13.31
CA GLU A 197 15.88 -1.30 -13.29
C GLU A 197 17.04 -1.55 -12.34
N GLN A 198 18.03 -0.67 -12.34
CA GLN A 198 19.19 -0.84 -11.46
C GLN A 198 18.79 -0.64 -10.01
N LEU A 199 17.96 0.37 -9.72
CA LEU A 199 17.48 0.57 -8.34
C LEU A 199 16.66 -0.66 -7.89
N GLN A 200 15.79 -1.18 -8.76
CA GLN A 200 14.97 -2.37 -8.44
C GLN A 200 15.87 -3.60 -8.18
N TYR A 201 16.91 -3.80 -9.02
CA TYR A 201 17.85 -4.92 -8.88
C TYR A 201 18.52 -4.86 -7.49
N ASN A 202 18.98 -3.67 -7.08
CA ASN A 202 19.62 -3.50 -5.76
C ASN A 202 18.65 -3.67 -4.62
N LEU A 203 17.40 -3.18 -4.75
CA LEU A 203 16.40 -3.41 -3.70
C LEU A 203 16.01 -4.90 -3.61
N GLU A 204 16.04 -5.62 -4.75
CA GLU A 204 15.77 -7.05 -4.81
C GLU A 204 16.88 -7.79 -4.06
N LEU A 205 18.14 -7.41 -4.31
CA LEU A 205 19.30 -7.98 -3.61
C LEU A 205 19.21 -7.70 -2.12
N ALA A 206 18.83 -6.47 -1.74
CA ALA A 206 18.66 -6.13 -0.34
C ALA A 206 17.62 -7.03 0.34
N PHE A 207 16.42 -7.19 -0.29
CA PHE A 207 15.36 -8.05 0.25
C PHE A 207 15.83 -9.52 0.34
N HIS A 208 16.42 -10.04 -0.74
CA HIS A 208 16.85 -11.44 -0.77
C HIS A 208 18.05 -11.69 0.15
N HIS A 209 18.91 -10.69 0.34
CA HIS A 209 20.05 -10.80 1.28
C HIS A 209 19.51 -10.93 2.69
N HIS A 210 18.54 -10.07 3.04
CA HIS A 210 17.92 -10.12 4.35
C HIS A 210 17.23 -11.46 4.58
N LEU A 211 16.51 -11.99 3.56
CA LEU A 211 15.85 -13.30 3.70
C LEU A 211 16.89 -14.40 3.90
N CYS A 212 17.97 -14.34 3.15
CA CYS A 212 19.05 -15.33 3.24
C CYS A 212 19.66 -15.33 4.66
N LYS A 213 19.99 -14.13 5.18
CA LYS A 213 20.59 -13.95 6.50
C LYS A 213 19.66 -14.40 7.63
N THR A 214 18.35 -14.27 7.45
CA THR A 214 17.38 -14.64 8.48
C THR A 214 16.73 -16.02 8.25
N HIS A 215 17.24 -16.81 7.28
CA HIS A 215 16.74 -18.16 6.96
C HIS A 215 15.25 -18.14 6.59
N ARG A 216 14.88 -17.15 5.79
CA ARG A 216 13.50 -16.95 5.37
C ARG A 216 13.31 -17.00 3.86
N GLN A 217 14.27 -17.57 3.13
CA GLN A 217 14.16 -17.65 1.68
C GLN A 217 12.98 -18.51 1.20
N SER A 218 12.42 -19.37 2.05
CA SER A 218 11.25 -20.19 1.70
C SER A 218 10.00 -19.37 1.36
N ILE A 219 9.96 -18.06 1.75
CA ILE A 219 8.80 -17.23 1.42
C ILE A 219 8.82 -16.76 -0.05
N LEU A 220 9.98 -16.78 -0.73
CA LEU A 220 10.06 -16.24 -2.10
C LEU A 220 9.09 -16.89 -3.07
N ALA A 221 8.99 -18.24 -3.05
CA ALA A 221 8.04 -18.97 -3.90
C ALA A 221 6.59 -18.76 -3.43
N LYS A 222 6.37 -18.29 -2.20
CA LYS A 222 5.05 -18.06 -1.61
C LYS A 222 4.54 -16.63 -1.74
N LEU A 223 5.35 -15.69 -2.25
CA LEU A 223 4.91 -14.31 -2.43
C LEU A 223 3.85 -14.26 -3.54
N PRO A 224 2.82 -13.40 -3.42
CA PRO A 224 1.77 -13.39 -4.46
C PRO A 224 2.30 -12.97 -5.81
N PRO A 225 1.72 -13.47 -6.92
CA PRO A 225 2.14 -12.97 -8.24
C PRO A 225 1.82 -11.47 -8.40
N LYS A 226 2.57 -10.72 -9.24
CA LYS A 226 2.30 -9.28 -9.49
C LYS A 226 0.87 -9.04 -9.99
N GLY A 227 0.37 -9.99 -10.79
CA GLY A 227 -0.99 -9.97 -11.31
C GLY A 227 -2.04 -9.91 -10.21
N LYS A 228 -1.74 -10.46 -9.02
CA LYS A 228 -2.68 -10.43 -7.91
C LYS A 228 -2.90 -8.97 -7.40
N LEU A 229 -1.81 -8.23 -7.14
CA LEU A 229 -1.93 -6.83 -6.70
C LEU A 229 -2.55 -5.99 -7.80
N ARG A 230 -2.21 -6.28 -9.06
CA ARG A 230 -2.76 -5.58 -10.20
C ARG A 230 -4.27 -5.80 -10.28
N SER A 231 -4.74 -7.04 -10.10
CA SER A 231 -6.17 -7.35 -10.15
C SER A 231 -6.93 -6.60 -9.04
N LEU A 232 -6.36 -6.55 -7.82
CA LEU A 232 -7.01 -5.82 -6.71
C LEU A 232 -7.11 -4.34 -7.04
N CYS A 233 -6.06 -3.78 -7.64
CA CYS A 233 -6.07 -2.34 -8.00
C CYS A 233 -7.03 -2.05 -9.12
N SER A 234 -7.14 -2.95 -10.08
CA SER A 234 -8.06 -2.81 -11.21
C SER A 234 -9.48 -2.89 -10.69
N GLN A 235 -9.78 -3.86 -9.78
CA GLN A 235 -11.14 -3.96 -9.23
C GLN A 235 -11.50 -2.70 -8.46
N HIS A 236 -10.57 -2.15 -7.67
CA HIS A 236 -10.80 -0.92 -6.91
C HIS A 236 -11.21 0.24 -7.84
N VAL A 237 -10.48 0.45 -8.93
CA VAL A 237 -10.78 1.49 -9.89
C VAL A 237 -12.15 1.24 -10.57
N GLU A 238 -12.45 -0.01 -10.89
CA GLU A 238 -13.71 -0.38 -11.53
C GLU A 238 -14.90 -0.13 -10.60
N ARG A 239 -14.79 -0.51 -9.33
CA ARG A 239 -15.85 -0.28 -8.36
C ARG A 239 -16.06 1.22 -8.10
N LEU A 240 -14.96 1.99 -8.06
CA LEU A 240 -15.03 3.44 -7.90
C LEU A 240 -15.80 4.05 -9.09
N GLN A 241 -15.53 3.58 -10.31
CA GLN A 241 -16.23 4.11 -11.51
C GLN A 241 -17.71 3.83 -11.41
N ILE A 242 -18.11 2.66 -10.89
CA ILE A 242 -19.52 2.34 -10.69
C ILE A 242 -20.15 3.27 -9.64
N PHE A 243 -19.46 3.47 -8.52
CA PHE A 243 -19.94 4.36 -7.47
C PHE A 243 -20.06 5.81 -8.01
N GLN A 244 -19.05 6.25 -8.77
CA GLN A 244 -19.02 7.59 -9.31
C GLN A 244 -20.20 7.86 -10.24
N HIS A 245 -20.62 6.86 -11.01
CA HIS A 245 -21.77 7.02 -11.90
C HIS A 245 -23.07 7.19 -11.08
N LEU A 246 -23.16 6.54 -9.91
CA LEU A 246 -24.32 6.63 -9.01
C LEU A 246 -24.36 7.93 -8.20
N HIS A 247 -23.20 8.40 -7.72
CA HIS A 247 -23.12 9.59 -6.85
C HIS A 247 -22.00 10.52 -7.33
N PRO A 248 -22.16 11.10 -8.54
CA PRO A 248 -21.07 11.92 -9.09
C PRO A 248 -20.67 13.13 -8.26
N ILE A 249 -21.65 13.77 -7.63
CA ILE A 249 -21.38 14.97 -6.84
C ILE A 249 -20.72 14.62 -5.52
N VAL A 250 -20.96 13.42 -4.97
CA VAL A 250 -20.25 12.97 -3.76
C VAL A 250 -18.74 12.88 -4.08
N VAL A 251 -18.37 12.28 -5.23
CA VAL A 251 -16.97 12.15 -5.60
C VAL A 251 -16.38 13.53 -5.88
N GLN A 252 -17.10 14.35 -6.62
CA GLN A 252 -16.63 15.70 -6.96
C GLN A 252 -16.48 16.61 -5.75
N ALA A 253 -17.45 16.59 -4.83
CA ALA A 253 -17.45 17.50 -3.69
C ALA A 253 -16.79 16.99 -2.41
N ALA A 254 -16.78 15.67 -2.18
CA ALA A 254 -16.34 15.15 -0.88
C ALA A 254 -15.31 14.04 -0.90
N PHE A 255 -14.78 13.67 -2.05
CA PHE A 255 -13.69 12.67 -2.08
C PHE A 255 -12.36 13.44 -2.04
N PRO A 256 -11.32 12.93 -1.36
CA PRO A 256 -10.06 13.69 -1.29
C PRO A 256 -9.44 13.91 -2.67
N PRO A 257 -8.89 15.10 -2.91
CA PRO A 257 -8.23 15.37 -4.20
C PRO A 257 -7.12 14.37 -4.56
N LEU A 258 -6.29 13.93 -3.59
CA LEU A 258 -5.22 12.97 -3.89
C LEU A 258 -5.78 11.63 -4.35
N TYR A 259 -6.88 11.18 -3.71
CA TYR A 259 -7.57 9.94 -4.09
C TYR A 259 -8.05 10.05 -5.56
N LYS A 260 -8.62 11.19 -5.92
CA LYS A 260 -9.11 11.37 -7.28
C LYS A 260 -7.96 11.41 -8.30
N GLU A 261 -6.85 12.06 -7.96
CA GLU A 261 -5.68 12.08 -8.84
C GLU A 261 -5.16 10.64 -9.13
N LEU A 262 -5.18 9.78 -8.10
CA LEU A 262 -4.68 8.41 -8.29
C LEU A 262 -5.63 7.45 -8.95
N PHE A 263 -6.94 7.57 -8.66
CA PHE A 263 -7.89 6.56 -9.07
C PHE A 263 -8.98 6.99 -10.03
N SER A 264 -9.22 8.30 -10.23
CA SER A 264 -10.25 8.73 -11.17
C SER A 264 -9.79 9.81 -12.13
N GLY A 265 -8.49 9.82 -12.44
CA GLY A 265 -7.89 10.76 -13.38
C GLY A 265 -8.02 12.23 -13.08
N GLY A 266 -8.15 12.59 -11.80
CA GLY A 266 -8.27 13.98 -11.41
C GLY A 266 -9.58 14.31 -10.70
N LYS B 6 -9.41 17.94 -12.17
CA LYS B 6 -8.00 17.78 -12.54
C LYS B 6 -7.06 18.03 -11.35
N HIS B 7 -7.37 17.43 -10.19
CA HIS B 7 -6.57 17.57 -8.96
C HIS B 7 -5.16 17.02 -9.15
N LYS B 8 -4.14 17.78 -8.69
CA LYS B 8 -2.71 17.43 -8.80
C LYS B 8 -1.97 17.69 -7.47
N ILE B 9 -2.09 16.76 -6.53
CA ILE B 9 -1.53 16.86 -5.19
C ILE B 9 -0.15 16.21 -5.09
N LEU B 10 0.07 15.14 -5.88
CA LEU B 10 1.35 14.41 -5.86
C LEU B 10 2.56 15.32 -6.05
N HIS B 11 2.55 16.21 -7.07
CA HIS B 11 3.69 17.10 -7.30
C HIS B 11 3.95 18.01 -6.09
N ARG B 12 2.88 18.45 -5.42
CA ARG B 12 2.97 19.29 -4.22
C ARG B 12 3.63 18.51 -3.07
N LEU B 13 3.16 17.28 -2.81
CA LEU B 13 3.72 16.43 -1.75
C LEU B 13 5.19 16.12 -2.03
N LEU B 14 5.52 15.86 -3.29
CA LEU B 14 6.90 15.55 -3.66
C LEU B 14 7.84 16.75 -3.48
N GLN B 15 7.38 17.94 -3.87
CA GLN B 15 8.16 19.18 -3.82
C GLN B 15 8.29 19.77 -2.41
N ASP B 16 7.40 19.40 -1.48
CA ASP B 16 7.41 19.94 -0.13
C ASP B 16 8.46 19.29 0.77
N SER B 17 9.48 20.06 1.17
CA SER B 17 10.54 19.59 2.09
C SER B 17 10.68 20.53 3.27
#